data_4I80
#
_entry.id   4I80
#
_cell.length_a   141.379
_cell.length_b   141.379
_cell.length_c   92.879
_cell.angle_alpha   90.00
_cell.angle_beta   90.00
_cell.angle_gamma   90.00
#
_symmetry.space_group_name_H-M   'P 41 21 2'
#
loop_
_entity.id
_entity.type
_entity.pdbx_description
1 polymer Menin
2 polymer 'macrocyclic peptidomimetic'
#
loop_
_entity_poly.entity_id
_entity_poly.type
_entity_poly.pdbx_seq_one_letter_code
_entity_poly.pdbx_strand_id
1 'polypeptide(L)'
;SGLKAAQKTLFPLRSIDDVVRLFAAELGREEPDLVLLSLVLGFVEHFLAVNRVIPTNVPELTFQPSPAPDPPGGLTYFPV
ADLSIIAALYARFTAQIRGAVDLSLYPREGGVSSRELVKKVSDVIWNSLSRSYFKDRAHIQSLFSFITGTKLDSSGVAFA
VVGACQALGLRDVHLALSEDHAWVVFGPNGEQTAEVTWHGKGNEDRRGQTVNAGVAERSWLYLKGSYMRCDRKMEVAFMV
CAINPSIDLHTDSLELLQLQQKLLWLLYDLGHLERYPMALGNLADLEELEPTPGRPDPLTLYHKGIASAKTYYRDEHIYP
YMYLAGYHCRNRNVREALQAWADTATVIQDYNYCREDEEIYKEFFEVANDVIPNLLKEAASLLEAGEERPGEQSQGTQSQ
GSALQDPECFAHLLRFYDGICKWEEGSPTPVLHVGWATFLVQSLGRFEGQVRQKVRIVSGTVAGTARGPEGGSTAQVPAP
TASPPPEGPVLTFQSEKMKGMKELLVATKINSSAIKLQLTAQSQVQMKKQKVSTPSDYTLSFLKRQRKGL
;
A
2 'polypeptide(L)' (ACE)RW(1E3)FPARP B
#
# COMPACT_ATOMS: atom_id res chain seq x y z
N GLY A 2 22.32 -25.57 -3.79
CA GLY A 2 21.17 -24.91 -4.39
C GLY A 2 21.44 -23.44 -4.70
N LEU A 3 22.24 -22.80 -3.85
CA LEU A 3 22.58 -21.41 -4.05
C LEU A 3 23.77 -21.28 -4.96
N LYS A 4 23.80 -20.20 -5.72
CA LYS A 4 24.95 -19.95 -6.58
C LYS A 4 26.07 -19.33 -5.77
N ALA A 5 27.30 -19.52 -6.26
CA ALA A 5 28.49 -19.07 -5.54
C ALA A 5 28.69 -17.55 -5.58
N ALA A 6 28.22 -16.91 -6.64
CA ALA A 6 28.30 -15.46 -6.67
C ALA A 6 27.39 -14.79 -5.60
N GLN A 7 26.56 -15.60 -4.93
CA GLN A 7 25.75 -15.08 -3.84
C GLN A 7 26.41 -15.40 -2.51
N LYS A 8 26.73 -16.69 -2.34
CA LYS A 8 27.40 -17.17 -1.12
C LYS A 8 28.49 -16.23 -0.67
N THR A 9 29.29 -15.75 -1.61
CA THR A 9 30.46 -14.96 -1.25
C THR A 9 30.12 -13.67 -0.44
N LEU A 10 28.89 -13.18 -0.58
CA LEU A 10 28.50 -11.91 0.03
C LEU A 10 28.12 -12.02 1.52
N PHE A 11 28.21 -13.24 2.03
CA PHE A 11 27.92 -13.57 3.40
C PHE A 11 29.21 -13.65 4.19
N PRO A 12 29.15 -13.53 5.51
CA PRO A 12 27.93 -13.24 6.26
C PRO A 12 27.67 -11.74 6.39
N LEU A 13 26.46 -11.41 6.83
CA LEU A 13 25.98 -10.04 6.95
C LEU A 13 26.03 -9.63 8.41
N ARG A 14 26.63 -8.49 8.70
CA ARG A 14 26.84 -8.10 10.09
C ARG A 14 26.38 -6.67 10.35
N SER A 15 25.88 -6.02 9.31
CA SER A 15 25.31 -4.71 9.49
C SER A 15 24.23 -4.44 8.46
N ILE A 16 23.51 -3.34 8.64
CA ILE A 16 22.49 -2.93 7.69
C ILE A 16 23.11 -2.80 6.32
N ASP A 17 24.32 -2.26 6.27
CA ASP A 17 25.03 -2.05 5.01
C ASP A 17 25.33 -3.37 4.32
N ASP A 18 25.84 -4.34 5.07
CA ASP A 18 26.13 -5.65 4.52
C ASP A 18 24.90 -6.27 3.88
N VAL A 19 23.72 -5.87 4.37
CA VAL A 19 22.45 -6.41 3.86
C VAL A 19 22.16 -5.74 2.55
N VAL A 20 22.33 -4.42 2.52
CA VAL A 20 22.11 -3.64 1.30
C VAL A 20 22.94 -4.21 0.15
N ARG A 21 24.22 -4.51 0.41
CA ARG A 21 25.07 -5.18 -0.58
C ARG A 21 24.42 -6.41 -1.21
N LEU A 22 23.81 -7.26 -0.41
CA LEU A 22 23.19 -8.47 -0.95
C LEU A 22 22.08 -8.09 -1.92
N PHE A 23 21.39 -7.01 -1.60
CA PHE A 23 20.26 -6.55 -2.40
C PHE A 23 20.70 -5.81 -3.67
N ALA A 24 21.67 -4.93 -3.52
CA ALA A 24 22.23 -4.24 -4.68
C ALA A 24 22.81 -5.26 -5.64
N ALA A 25 23.45 -6.29 -5.09
CA ALA A 25 24.09 -7.32 -5.89
C ALA A 25 23.11 -8.32 -6.51
N GLU A 26 22.13 -8.74 -5.74
CA GLU A 26 21.12 -9.67 -6.26
C GLU A 26 20.20 -8.97 -7.28
N LEU A 27 20.14 -7.66 -7.20
CA LEU A 27 19.22 -6.87 -8.02
C LEU A 27 19.82 -6.60 -9.39
N GLY A 28 21.11 -6.88 -9.53
CA GLY A 28 21.81 -6.66 -10.78
C GLY A 28 21.93 -7.94 -11.59
N ARG A 29 21.28 -8.99 -11.11
CA ARG A 29 21.21 -10.23 -11.88
C ARG A 29 19.92 -10.17 -12.70
N GLU A 30 19.73 -11.17 -13.56
CA GLU A 30 18.56 -11.19 -14.42
C GLU A 30 17.36 -11.80 -13.69
N GLU A 31 17.68 -12.67 -12.73
CA GLU A 31 16.65 -13.38 -11.95
C GLU A 31 16.91 -13.27 -10.45
N PRO A 32 16.64 -12.09 -9.86
CA PRO A 32 16.83 -11.90 -8.42
C PRO A 32 16.11 -12.95 -7.57
N ASP A 33 16.81 -13.50 -6.59
CA ASP A 33 16.28 -14.56 -5.75
C ASP A 33 15.43 -13.99 -4.63
N LEU A 34 14.12 -14.13 -4.79
CA LEU A 34 13.16 -13.69 -3.79
C LEU A 34 13.30 -14.53 -2.53
N VAL A 35 13.37 -15.85 -2.71
CA VAL A 35 13.46 -16.76 -1.59
C VAL A 35 14.65 -16.41 -0.74
N LEU A 36 15.76 -16.03 -1.37
CA LEU A 36 16.94 -15.67 -0.62
C LEU A 36 16.75 -14.34 0.10
N LEU A 37 16.29 -13.34 -0.64
CA LEU A 37 16.11 -12.01 -0.08
C LEU A 37 15.05 -11.96 1.00
N SER A 38 13.96 -12.70 0.80
CA SER A 38 12.91 -12.77 1.79
C SER A 38 13.51 -13.29 3.09
N LEU A 39 14.14 -14.46 3.00
CA LEU A 39 14.74 -15.12 4.16
C LEU A 39 15.68 -14.22 4.93
N VAL A 40 16.56 -13.52 4.23
CA VAL A 40 17.47 -12.60 4.90
C VAL A 40 16.68 -11.52 5.63
N LEU A 41 15.62 -11.08 5.00
CA LEU A 41 14.85 -9.98 5.51
C LEU A 41 14.04 -10.46 6.72
N GLY A 42 13.40 -11.61 6.57
CA GLY A 42 12.68 -12.24 7.67
C GLY A 42 13.56 -12.55 8.88
N PHE A 43 14.71 -13.13 8.60
CA PHE A 43 15.72 -13.43 9.61
C PHE A 43 16.12 -12.19 10.41
N VAL A 44 16.59 -11.15 9.71
CA VAL A 44 16.96 -9.89 10.35
C VAL A 44 15.81 -9.29 11.16
N GLU A 45 14.62 -9.30 10.56
CA GLU A 45 13.47 -8.60 11.16
C GLU A 45 13.04 -9.29 12.44
N HIS A 46 13.32 -10.58 12.49
CA HIS A 46 13.01 -11.40 13.64
C HIS A 46 13.77 -11.00 14.90
N PHE A 47 15.09 -11.15 14.92
CA PHE A 47 15.87 -10.79 16.12
C PHE A 47 15.89 -9.29 16.40
N LEU A 48 15.37 -8.50 15.47
CA LEU A 48 15.34 -7.03 15.62
C LEU A 48 14.02 -6.54 16.16
N ALA A 49 12.94 -7.26 15.82
CA ALA A 49 11.60 -6.84 16.19
C ALA A 49 10.76 -7.86 16.95
N VAL A 50 10.95 -9.14 16.67
CA VAL A 50 10.14 -10.17 17.28
C VAL A 50 10.70 -10.67 18.59
N ASN A 51 11.97 -11.04 18.58
CA ASN A 51 12.60 -11.58 19.76
C ASN A 51 13.97 -10.93 19.98
N ARG A 52 13.97 -9.79 20.67
CA ARG A 52 15.17 -8.98 20.84
C ARG A 52 16.11 -9.46 21.94
N VAL A 53 15.70 -10.44 22.71
CA VAL A 53 16.55 -10.90 23.80
C VAL A 53 17.59 -11.84 23.24
N ILE A 54 18.86 -11.59 23.55
CA ILE A 54 19.89 -12.40 22.92
C ILE A 54 20.17 -13.74 23.59
N PRO A 55 20.00 -14.82 22.81
CA PRO A 55 20.27 -16.19 23.24
C PRO A 55 21.77 -16.40 23.39
N THR A 56 22.18 -16.91 24.56
CA THR A 56 23.59 -17.13 24.87
C THR A 56 24.01 -18.61 24.85
N ASN A 57 23.09 -19.49 24.47
CA ASN A 57 23.32 -20.93 24.43
C ASN A 57 23.31 -21.51 23.02
N VAL A 58 23.21 -20.62 22.02
CA VAL A 58 23.16 -21.00 20.62
C VAL A 58 24.48 -20.58 19.98
N PRO A 59 25.50 -21.44 20.05
CA PRO A 59 26.83 -21.10 19.53
C PRO A 59 26.85 -20.82 18.02
N GLU A 60 25.75 -21.11 17.34
CA GLU A 60 25.64 -20.93 15.88
C GLU A 60 25.14 -19.52 15.51
N LEU A 61 24.53 -18.86 16.47
CA LEU A 61 23.99 -17.53 16.29
C LEU A 61 24.84 -16.50 17.02
N THR A 62 25.23 -15.46 16.30
CA THR A 62 26.16 -14.50 16.86
C THR A 62 25.66 -13.09 16.59
N PHE A 63 26.13 -12.13 17.37
CA PHE A 63 25.69 -10.76 17.20
C PHE A 63 26.86 -9.81 17.05
N GLN A 64 26.63 -8.65 16.45
CA GLN A 64 27.71 -7.75 16.09
C GLN A 64 27.55 -6.33 16.62
N PRO A 65 28.43 -5.92 17.54
CA PRO A 65 28.44 -4.60 18.20
C PRO A 65 28.86 -3.45 17.28
N SER A 66 28.41 -2.24 17.61
CA SER A 66 28.73 -1.04 16.84
C SER A 66 28.18 0.22 17.53
N PRO A 67 28.80 1.37 17.30
CA PRO A 67 28.38 2.62 17.97
C PRO A 67 26.92 2.95 17.68
N ALA A 68 26.18 3.39 18.71
CA ALA A 68 24.76 3.73 18.58
C ALA A 68 24.48 5.13 18.01
N PRO A 69 23.56 5.21 17.03
CA PRO A 69 23.25 6.33 16.12
C PRO A 69 23.25 7.74 16.74
N ASP A 70 22.35 7.99 17.68
CA ASP A 70 22.32 9.28 18.39
C ASP A 70 23.24 9.21 19.61
N PRO A 71 23.56 10.39 20.21
CA PRO A 71 24.33 10.38 21.46
C PRO A 71 23.79 9.37 22.48
N PRO A 72 22.46 9.22 22.58
CA PRO A 72 21.87 8.19 23.44
C PRO A 72 22.43 6.80 23.16
N GLY A 73 22.80 6.08 24.22
CA GLY A 73 23.25 4.72 24.08
C GLY A 73 24.74 4.62 23.83
N GLY A 74 25.30 3.44 24.09
CA GLY A 74 26.69 3.19 23.84
C GLY A 74 26.87 2.30 22.64
N LEU A 75 26.35 1.07 22.74
CA LEU A 75 26.56 0.06 21.71
C LEU A 75 25.25 -0.61 21.27
N THR A 76 25.07 -0.75 19.97
CA THR A 76 23.94 -1.47 19.41
C THR A 76 24.39 -2.83 18.86
N TYR A 77 23.55 -3.85 18.91
CA TYR A 77 23.91 -5.19 18.44
C TYR A 77 23.10 -5.58 17.21
N PHE A 78 23.74 -6.24 16.26
CA PHE A 78 23.07 -6.66 15.04
C PHE A 78 23.21 -8.18 14.82
N PRO A 79 22.16 -8.83 14.30
CA PRO A 79 22.12 -10.29 14.13
C PRO A 79 22.96 -10.79 12.97
N VAL A 80 24.12 -11.36 13.24
CA VAL A 80 24.95 -11.87 12.16
C VAL A 80 24.27 -13.02 11.40
N ALA A 81 24.21 -12.86 10.09
CA ALA A 81 23.56 -13.82 9.19
C ALA A 81 24.53 -14.83 8.63
N ASP A 82 24.95 -15.78 9.48
CA ASP A 82 25.78 -16.90 9.06
C ASP A 82 25.27 -17.48 7.74
N LEU A 83 26.19 -17.63 6.78
CA LEU A 83 25.87 -18.27 5.52
C LEU A 83 25.17 -19.62 5.78
N SER A 84 25.69 -20.37 6.77
CA SER A 84 25.15 -21.68 7.14
C SER A 84 23.67 -21.67 7.45
N ILE A 85 23.25 -20.77 8.34
CA ILE A 85 21.85 -20.66 8.78
C ILE A 85 20.91 -20.38 7.61
N ILE A 86 21.27 -19.34 6.86
CA ILE A 86 20.49 -18.88 5.72
C ILE A 86 20.38 -19.93 4.62
N ALA A 87 21.47 -20.65 4.38
CA ALA A 87 21.50 -21.66 3.33
C ALA A 87 20.68 -22.88 3.72
N ALA A 88 20.54 -23.10 5.01
CA ALA A 88 19.80 -24.24 5.52
C ALA A 88 18.31 -24.02 5.34
N LEU A 89 17.87 -22.84 5.72
CA LEU A 89 16.51 -22.44 5.45
C LEU A 89 16.20 -22.53 3.95
N TYR A 90 17.03 -21.88 3.14
CA TYR A 90 16.85 -21.92 1.70
C TYR A 90 16.56 -23.33 1.20
N ALA A 91 17.43 -24.25 1.57
CA ALA A 91 17.35 -25.63 1.11
C ALA A 91 16.05 -26.27 1.54
N ARG A 92 15.67 -26.05 2.80
CA ARG A 92 14.44 -26.60 3.37
C ARG A 92 13.21 -26.15 2.58
N PHE A 93 13.19 -24.88 2.20
CA PHE A 93 12.11 -24.37 1.38
C PHE A 93 12.09 -25.09 0.05
N THR A 94 13.24 -25.10 -0.61
CA THR A 94 13.33 -25.74 -1.92
C THR A 94 12.89 -27.21 -1.89
N ALA A 95 13.34 -27.95 -0.88
CA ALA A 95 12.88 -29.32 -0.67
C ALA A 95 11.36 -29.41 -0.61
N GLN A 96 10.73 -28.65 0.31
CA GLN A 96 9.27 -28.67 0.42
C GLN A 96 8.68 -28.64 -0.98
N ILE A 97 9.13 -27.68 -1.79
CA ILE A 97 8.53 -27.41 -3.09
C ILE A 97 8.77 -28.49 -4.16
N ARG A 98 10.02 -28.64 -4.61
CA ARG A 98 10.35 -29.67 -5.60
C ARG A 98 9.88 -31.06 -5.20
N GLY A 99 9.74 -31.27 -3.89
CA GLY A 99 9.35 -32.55 -3.35
C GLY A 99 7.86 -32.70 -3.13
N ALA A 100 7.12 -31.60 -3.27
CA ALA A 100 5.66 -31.66 -3.14
C ALA A 100 4.99 -31.41 -4.47
N VAL A 101 5.78 -30.95 -5.43
CA VAL A 101 5.33 -30.81 -6.80
C VAL A 101 6.41 -31.25 -7.78
N ASP A 102 6.07 -32.16 -8.68
CA ASP A 102 7.03 -32.59 -9.67
C ASP A 102 6.64 -32.21 -11.10
N LEU A 103 7.43 -31.32 -11.70
CA LEU A 103 7.13 -30.78 -13.01
C LEU A 103 7.11 -31.86 -14.09
N SER A 104 7.24 -33.10 -13.67
CA SER A 104 7.35 -34.20 -14.61
C SER A 104 6.11 -34.29 -15.50
N LEU A 105 4.97 -33.88 -14.95
CA LEU A 105 3.70 -34.03 -15.64
C LEU A 105 3.10 -32.71 -16.09
N TYR A 106 3.93 -31.68 -16.18
CA TYR A 106 3.45 -30.37 -16.61
C TYR A 106 4.21 -29.86 -17.84
N PRO A 107 3.81 -30.35 -19.02
CA PRO A 107 4.41 -29.92 -20.29
C PRO A 107 4.17 -28.44 -20.53
N ARG A 108 5.23 -27.65 -20.49
CA ARG A 108 5.11 -26.22 -20.68
C ARG A 108 5.56 -25.90 -22.09
N GLU A 109 4.64 -25.51 -22.94
CA GLU A 109 4.99 -25.14 -24.30
C GLU A 109 5.83 -23.86 -24.32
N GLY A 110 7.14 -24.03 -24.16
CA GLY A 110 8.11 -22.99 -24.41
C GLY A 110 7.99 -21.73 -23.58
N GLY A 111 8.04 -21.91 -22.27
CA GLY A 111 8.16 -20.78 -21.35
C GLY A 111 6.85 -20.29 -20.81
N VAL A 112 5.84 -21.15 -20.81
CA VAL A 112 4.55 -20.81 -20.22
C VAL A 112 4.23 -21.83 -19.13
N SER A 113 3.40 -21.45 -18.17
CA SER A 113 2.99 -22.38 -17.13
C SER A 113 1.49 -22.67 -17.22
N SER A 114 1.15 -23.93 -16.98
CA SER A 114 -0.24 -24.38 -17.01
C SER A 114 -1.02 -23.74 -15.88
N ARG A 115 -2.34 -23.64 -16.05
CA ARG A 115 -3.17 -23.10 -14.99
C ARG A 115 -3.32 -24.14 -13.89
N GLU A 116 -3.03 -25.38 -14.24
CA GLU A 116 -3.08 -26.48 -13.29
C GLU A 116 -1.82 -26.48 -12.43
N LEU A 117 -0.71 -26.08 -13.03
CA LEU A 117 0.58 -26.03 -12.35
C LEU A 117 0.55 -24.92 -11.32
N VAL A 118 0.13 -23.74 -11.75
CA VAL A 118 0.04 -22.59 -10.87
C VAL A 118 -0.92 -22.86 -9.71
N LYS A 119 -2.11 -23.37 -10.01
CA LYS A 119 -3.08 -23.70 -8.96
C LYS A 119 -2.53 -24.78 -8.02
N LYS A 120 -1.63 -25.61 -8.54
CA LYS A 120 -1.00 -26.63 -7.70
C LYS A 120 -0.03 -26.01 -6.72
N VAL A 121 0.97 -25.29 -7.24
CA VAL A 121 1.95 -24.63 -6.40
C VAL A 121 1.24 -23.78 -5.34
N SER A 122 0.10 -23.22 -5.73
CA SER A 122 -0.71 -22.47 -4.79
C SER A 122 -1.06 -23.41 -3.67
N ASP A 123 -1.84 -24.45 -4.00
CA ASP A 123 -2.26 -25.46 -3.03
C ASP A 123 -1.13 -26.00 -2.14
N VAL A 124 0.03 -26.28 -2.75
CA VAL A 124 1.17 -26.75 -1.99
C VAL A 124 1.42 -25.81 -0.82
N ILE A 125 1.57 -24.52 -1.13
CA ILE A 125 1.83 -23.53 -0.10
C ILE A 125 0.69 -23.40 0.89
N TRP A 126 -0.54 -23.36 0.37
CA TRP A 126 -1.74 -23.21 1.17
C TRP A 126 -1.95 -24.32 2.22
N ASN A 127 -1.68 -25.56 1.83
CA ASN A 127 -1.84 -26.70 2.73
C ASN A 127 -0.68 -26.80 3.71
N SER A 128 0.41 -26.13 3.34
CA SER A 128 1.59 -26.05 4.20
C SER A 128 1.38 -25.10 5.37
N LEU A 129 0.25 -24.40 5.39
CA LEU A 129 0.02 -23.32 6.36
C LEU A 129 -0.52 -23.84 7.66
N SER A 130 -0.22 -23.10 8.73
CA SER A 130 -0.63 -23.49 10.08
C SER A 130 -2.15 -23.55 10.19
N ARG A 131 -2.63 -24.28 11.17
CA ARG A 131 -4.06 -24.29 11.44
C ARG A 131 -4.43 -23.23 12.50
N SER A 132 -3.57 -23.12 13.51
CA SER A 132 -3.76 -22.22 14.65
C SER A 132 -2.97 -20.88 14.62
N TYR A 133 -3.49 -19.86 13.93
CA TYR A 133 -3.00 -18.48 14.15
C TYR A 133 -3.90 -17.38 13.64
N PHE A 134 -3.66 -16.17 14.15
CA PHE A 134 -4.36 -14.95 13.79
C PHE A 134 -3.72 -14.31 12.58
N LYS A 135 -4.55 -14.08 11.57
CA LYS A 135 -4.07 -13.72 10.23
C LYS A 135 -3.65 -12.26 10.06
N ASP A 136 -3.65 -11.48 11.13
CA ASP A 136 -3.41 -10.06 10.98
C ASP A 136 -2.23 -9.65 11.81
N ARG A 137 -1.52 -10.62 12.36
CA ARG A 137 -0.48 -10.30 13.33
C ARG A 137 0.81 -9.84 12.67
N ALA A 138 1.67 -9.19 13.44
CA ALA A 138 2.86 -8.56 12.90
C ALA A 138 3.98 -9.55 12.65
N HIS A 139 4.73 -9.31 11.56
CA HIS A 139 5.94 -10.06 11.27
C HIS A 139 5.70 -11.49 10.80
N ILE A 140 4.78 -11.70 9.87
CA ILE A 140 4.62 -13.03 9.27
C ILE A 140 4.48 -12.87 7.77
N GLN A 141 5.25 -11.94 7.24
CA GLN A 141 5.18 -11.63 5.81
C GLN A 141 6.22 -12.37 5.00
N SER A 142 7.37 -12.60 5.61
CA SER A 142 8.50 -13.23 4.95
C SER A 142 8.39 -14.74 4.88
N LEU A 143 9.20 -15.34 4.03
CA LEU A 143 9.29 -16.78 3.96
C LEU A 143 10.02 -17.31 5.22
N PHE A 144 10.80 -16.43 5.86
CA PHE A 144 11.42 -16.80 7.12
C PHE A 144 10.30 -17.29 7.98
N SER A 145 9.20 -16.56 7.93
CA SER A 145 8.03 -16.86 8.72
C SER A 145 7.42 -18.18 8.26
N PHE A 146 7.22 -18.30 6.95
CA PHE A 146 6.63 -19.51 6.37
C PHE A 146 7.37 -20.77 6.78
N ILE A 147 8.68 -20.75 6.59
CA ILE A 147 9.50 -21.92 6.83
C ILE A 147 9.70 -22.21 8.31
N THR A 148 9.92 -21.16 9.11
CA THR A 148 10.07 -21.29 10.55
C THR A 148 8.79 -21.63 11.29
N GLY A 149 7.80 -20.77 11.18
CA GLY A 149 6.58 -20.90 11.96
C GLY A 149 5.34 -21.37 11.22
N THR A 150 5.41 -21.41 9.89
CA THR A 150 4.25 -21.79 9.09
C THR A 150 3.15 -20.71 9.11
N LYS A 151 3.52 -19.51 9.55
CA LYS A 151 2.59 -18.40 9.59
C LYS A 151 2.92 -17.43 8.45
N LEU A 152 1.88 -16.95 7.77
CA LEU A 152 2.05 -16.06 6.63
C LEU A 152 0.76 -15.23 6.53
N ASP A 153 0.88 -13.93 6.27
CA ASP A 153 -0.29 -13.05 6.21
C ASP A 153 -0.84 -12.91 4.78
N SER A 154 -2.05 -12.37 4.63
CA SER A 154 -2.77 -12.44 3.34
C SER A 154 -1.90 -12.20 2.12
N SER A 155 -1.17 -11.09 2.14
CA SER A 155 -0.30 -10.71 1.03
C SER A 155 0.89 -11.66 0.99
N GLY A 156 1.45 -11.94 2.17
CA GLY A 156 2.56 -12.86 2.28
C GLY A 156 2.37 -14.18 1.55
N VAL A 157 1.13 -14.68 1.54
CA VAL A 157 0.84 -15.96 0.91
C VAL A 157 1.09 -15.91 -0.57
N ALA A 158 0.67 -14.82 -1.21
CA ALA A 158 0.84 -14.68 -2.66
C ALA A 158 2.30 -14.52 -3.01
N PHE A 159 3.00 -13.71 -2.23
CA PHE A 159 4.44 -13.53 -2.41
C PHE A 159 5.13 -14.87 -2.39
N ALA A 160 4.77 -15.66 -1.37
CA ALA A 160 5.19 -17.06 -1.22
C ALA A 160 4.95 -17.92 -2.46
N VAL A 161 3.72 -18.00 -2.92
CA VAL A 161 3.41 -18.70 -4.18
C VAL A 161 4.31 -18.27 -5.35
N VAL A 162 4.66 -17.00 -5.39
CA VAL A 162 5.46 -16.51 -6.50
C VAL A 162 6.91 -16.90 -6.29
N GLY A 163 7.42 -16.77 -5.07
CA GLY A 163 8.75 -17.26 -4.75
C GLY A 163 8.90 -18.76 -5.01
N ALA A 164 7.84 -19.50 -4.71
CA ALA A 164 7.83 -20.93 -4.92
C ALA A 164 8.02 -21.30 -6.39
N CYS A 165 7.37 -20.54 -7.26
CA CYS A 165 7.48 -20.78 -8.70
C CYS A 165 8.87 -20.49 -9.24
N GLN A 166 9.53 -19.47 -8.70
CA GLN A 166 10.87 -19.13 -9.14
C GLN A 166 11.77 -20.29 -8.77
N ALA A 167 11.48 -20.88 -7.62
CA ALA A 167 12.19 -22.07 -7.16
C ALA A 167 12.03 -23.25 -8.12
N LEU A 168 10.83 -23.40 -8.66
CA LEU A 168 10.56 -24.47 -9.63
C LEU A 168 11.02 -24.09 -11.05
N GLY A 169 11.50 -22.87 -11.21
CA GLY A 169 12.03 -22.44 -12.49
C GLY A 169 11.04 -21.71 -13.38
N LEU A 170 9.75 -21.74 -13.02
CA LEU A 170 8.75 -21.03 -13.80
C LEU A 170 8.97 -19.51 -13.67
N ARG A 171 9.28 -18.87 -14.78
CA ARG A 171 9.69 -17.46 -14.72
C ARG A 171 8.65 -16.54 -15.37
N ASP A 172 7.45 -17.09 -15.58
CA ASP A 172 6.34 -16.34 -16.16
C ASP A 172 5.29 -15.97 -15.10
N VAL A 173 5.43 -16.53 -13.90
CA VAL A 173 4.49 -16.25 -12.82
C VAL A 173 4.94 -15.04 -12.01
N HIS A 174 4.03 -14.08 -11.80
CA HIS A 174 4.37 -12.85 -11.09
C HIS A 174 3.33 -12.33 -10.12
N LEU A 175 3.77 -11.39 -9.29
CA LEU A 175 2.91 -10.83 -8.28
C LEU A 175 2.05 -9.74 -8.87
N ALA A 176 0.74 -9.89 -8.72
CA ALA A 176 -0.21 -8.80 -9.03
C ALA A 176 -0.60 -8.08 -7.74
N LEU A 177 -0.47 -6.76 -7.78
CA LEU A 177 -0.69 -5.92 -6.61
C LEU A 177 -1.68 -4.82 -6.87
N SER A 178 -2.86 -4.88 -6.26
CA SER A 178 -3.71 -3.70 -6.22
C SER A 178 -3.38 -3.04 -4.89
N GLU A 179 -4.08 -1.98 -4.54
CA GLU A 179 -3.81 -1.32 -3.27
C GLU A 179 -4.17 -2.03 -1.95
N ASP A 180 -4.92 -3.13 -2.06
CA ASP A 180 -5.41 -3.82 -0.89
C ASP A 180 -5.51 -5.32 -1.05
N HIS A 181 -4.94 -5.83 -2.14
CA HIS A 181 -5.02 -7.26 -2.42
C HIS A 181 -3.78 -7.75 -3.13
N ALA A 182 -3.66 -9.06 -3.29
CA ALA A 182 -2.58 -9.67 -4.07
C ALA A 182 -3.04 -10.98 -4.70
N TRP A 183 -2.63 -11.18 -5.94
CA TRP A 183 -2.92 -12.41 -6.65
C TRP A 183 -1.80 -12.68 -7.61
N VAL A 184 -1.98 -13.62 -8.52
CA VAL A 184 -0.90 -14.01 -9.42
C VAL A 184 -1.22 -13.79 -10.90
N VAL A 185 -0.22 -13.34 -11.67
CA VAL A 185 -0.37 -13.26 -13.12
C VAL A 185 0.63 -14.13 -13.87
N PHE A 186 0.13 -14.84 -14.86
CA PHE A 186 0.92 -15.80 -15.59
C PHE A 186 0.40 -15.98 -17.00
N GLY A 187 1.14 -16.74 -17.79
CA GLY A 187 0.80 -16.98 -19.17
C GLY A 187 1.74 -16.19 -20.05
N PRO A 188 1.58 -16.32 -21.37
CA PRO A 188 2.38 -15.55 -22.33
C PRO A 188 1.88 -14.10 -22.34
N ASN A 189 2.80 -13.16 -22.21
CA ASN A 189 2.44 -11.75 -22.05
C ASN A 189 1.75 -11.45 -20.72
N GLY A 190 1.54 -12.51 -19.93
CA GLY A 190 1.13 -12.35 -18.54
C GLY A 190 -0.23 -11.72 -18.39
N GLU A 191 -1.20 -12.25 -19.13
CA GLU A 191 -2.54 -11.70 -19.10
C GLU A 191 -3.50 -12.65 -18.44
N GLN A 192 -3.06 -13.88 -18.20
CA GLN A 192 -3.84 -14.85 -17.45
C GLN A 192 -3.63 -14.61 -15.93
N THR A 193 -4.69 -14.73 -15.13
CA THR A 193 -4.61 -14.43 -13.70
C THR A 193 -5.20 -15.52 -12.81
N ALA A 194 -4.79 -15.53 -11.54
CA ALA A 194 -5.30 -16.47 -10.53
C ALA A 194 -5.37 -15.89 -9.11
N GLU A 195 -6.40 -16.28 -8.36
CA GLU A 195 -6.48 -15.94 -6.95
C GLU A 195 -5.77 -16.99 -6.10
N VAL A 196 -4.92 -16.56 -5.18
CA VAL A 196 -4.15 -17.50 -4.38
C VAL A 196 -4.23 -17.28 -2.88
N THR A 197 -4.82 -16.16 -2.46
CA THR A 197 -4.86 -15.83 -1.04
C THR A 197 -6.25 -15.34 -0.65
N TRP A 198 -6.54 -15.29 0.65
CA TRP A 198 -7.82 -14.81 1.12
C TRP A 198 -7.75 -13.29 1.16
N HIS A 199 -8.90 -12.64 1.36
CA HIS A 199 -8.98 -11.18 1.47
C HIS A 199 -9.88 -10.78 2.63
N GLY A 200 -9.43 -9.82 3.44
CA GLY A 200 -10.24 -9.34 4.53
C GLY A 200 -10.39 -10.32 5.69
N LYS A 201 -11.25 -10.00 6.66
CA LYS A 201 -11.44 -10.86 7.83
C LYS A 201 -11.96 -12.23 7.41
N GLY A 202 -13.05 -12.25 6.65
CA GLY A 202 -13.63 -13.49 6.16
C GLY A 202 -12.66 -14.34 5.35
N ASN A 203 -12.43 -15.58 5.80
CA ASN A 203 -11.56 -16.53 5.12
C ASN A 203 -12.04 -16.84 3.70
N GLU A 204 -13.03 -16.07 3.23
CA GLU A 204 -13.57 -16.21 1.88
C GLU A 204 -12.50 -16.06 0.82
N ASP A 205 -12.22 -17.15 0.13
CA ASP A 205 -11.25 -17.13 -0.95
C ASP A 205 -11.97 -17.45 -2.25
N ARG A 206 -11.38 -16.98 -3.35
CA ARG A 206 -11.83 -17.34 -4.67
C ARG A 206 -10.70 -18.06 -5.35
N ARG A 207 -10.03 -18.96 -4.63
CA ARG A 207 -8.85 -19.58 -5.18
C ARG A 207 -9.17 -20.32 -6.46
N GLY A 208 -8.26 -20.22 -7.43
CA GLY A 208 -8.45 -20.88 -8.72
C GLY A 208 -9.31 -20.09 -9.68
N GLN A 209 -10.10 -19.18 -9.15
CA GLN A 209 -10.95 -18.30 -9.95
C GLN A 209 -10.10 -17.16 -10.48
N THR A 210 -10.66 -16.45 -11.45
CA THR A 210 -9.95 -15.37 -12.10
C THR A 210 -10.44 -14.04 -11.55
N VAL A 211 -9.62 -12.99 -11.68
CA VAL A 211 -10.01 -11.67 -11.22
C VAL A 211 -11.11 -11.06 -12.10
N ASN A 212 -11.26 -11.59 -13.31
CA ASN A 212 -12.14 -10.98 -14.31
C ASN A 212 -13.45 -10.39 -13.79
N ALA A 213 -14.06 -11.09 -12.85
CA ALA A 213 -15.34 -10.70 -12.28
C ALA A 213 -15.26 -9.44 -11.41
N GLY A 214 -14.18 -9.31 -10.64
CA GLY A 214 -13.98 -8.15 -9.80
C GLY A 214 -13.60 -6.91 -10.59
N VAL A 215 -12.80 -7.10 -11.63
CA VAL A 215 -12.46 -5.97 -12.48
C VAL A 215 -13.75 -5.48 -13.11
N ALA A 216 -14.56 -6.43 -13.59
CA ALA A 216 -15.81 -6.12 -14.27
C ALA A 216 -16.73 -5.23 -13.45
N GLU A 217 -16.91 -5.59 -12.18
CA GLU A 217 -17.86 -4.91 -11.30
C GLU A 217 -17.38 -3.52 -10.86
N ARG A 218 -16.25 -3.10 -11.40
CA ARG A 218 -15.74 -1.76 -11.14
C ARG A 218 -15.51 -1.52 -9.66
N SER A 219 -14.94 -2.51 -8.97
CA SER A 219 -14.57 -2.30 -7.58
C SER A 219 -13.13 -1.84 -7.49
N TRP A 220 -12.78 -1.29 -6.33
CA TRP A 220 -11.49 -0.68 -6.12
C TRP A 220 -10.47 -1.74 -5.71
N LEU A 221 -10.96 -2.91 -5.36
CA LEU A 221 -10.05 -3.95 -4.98
C LEU A 221 -9.21 -4.28 -6.17
N TYR A 222 -9.84 -4.26 -7.34
CA TYR A 222 -9.20 -4.69 -8.58
C TYR A 222 -8.86 -3.52 -9.49
N LEU A 223 -9.13 -2.31 -9.01
CA LEU A 223 -8.71 -1.10 -9.71
C LEU A 223 -9.10 -1.05 -11.17
N LYS A 224 -10.28 -1.57 -11.51
CA LYS A 224 -10.73 -1.47 -12.89
C LYS A 224 -9.65 -1.95 -13.85
N GLY A 225 -8.92 -2.98 -13.44
CA GLY A 225 -7.90 -3.55 -14.31
C GLY A 225 -6.56 -2.82 -14.40
N SER A 226 -6.45 -1.67 -13.73
CA SER A 226 -5.21 -0.90 -13.73
C SER A 226 -4.26 -1.27 -12.56
N TYR A 227 -4.37 -2.50 -12.05
CA TYR A 227 -3.48 -3.00 -11.00
C TYR A 227 -2.05 -3.18 -11.48
N MET A 228 -1.10 -3.23 -10.56
CA MET A 228 0.30 -3.47 -10.91
C MET A 228 0.51 -4.91 -11.37
N ARG A 229 1.31 -5.06 -12.42
CA ARG A 229 1.79 -6.36 -12.82
C ARG A 229 3.29 -6.34 -12.55
N CYS A 230 3.74 -7.13 -11.59
CA CYS A 230 5.13 -7.04 -11.17
C CYS A 230 6.14 -7.75 -12.08
N ASP A 231 7.42 -7.46 -11.85
CA ASP A 231 8.50 -8.24 -12.40
C ASP A 231 9.43 -8.52 -11.22
N ARG A 232 10.34 -9.47 -11.35
CA ARG A 232 11.23 -9.77 -10.24
C ARG A 232 11.70 -8.51 -9.50
N LYS A 233 12.02 -7.44 -10.23
CA LYS A 233 12.58 -6.27 -9.58
C LYS A 233 11.54 -5.53 -8.73
N MET A 234 10.30 -5.46 -9.19
CA MET A 234 9.21 -4.85 -8.43
C MET A 234 8.86 -5.68 -7.22
N GLU A 235 9.01 -6.99 -7.35
CA GLU A 235 8.63 -7.93 -6.33
C GLU A 235 9.59 -7.80 -5.18
N VAL A 236 10.80 -7.39 -5.50
CA VAL A 236 11.79 -7.17 -4.48
C VAL A 236 11.46 -5.92 -3.70
N ALA A 237 10.88 -4.96 -4.41
CA ALA A 237 10.39 -3.73 -3.80
C ALA A 237 9.31 -4.02 -2.78
N PHE A 238 8.31 -4.80 -3.21
CA PHE A 238 7.20 -5.23 -2.37
C PHE A 238 7.70 -5.71 -1.03
N MET A 239 8.56 -6.71 -1.10
CA MET A 239 9.29 -7.30 0.03
C MET A 239 9.91 -6.25 0.96
N VAL A 240 10.58 -5.25 0.38
CA VAL A 240 11.16 -4.16 1.16
C VAL A 240 10.09 -3.29 1.81
N CYS A 241 8.94 -3.21 1.14
CA CYS A 241 7.81 -2.44 1.66
C CYS A 241 7.06 -3.20 2.75
N ALA A 242 7.30 -4.51 2.83
CA ALA A 242 6.57 -5.38 3.72
C ALA A 242 7.28 -5.51 5.05
N ILE A 243 8.51 -5.01 5.08
CA ILE A 243 9.30 -4.94 6.31
C ILE A 243 8.52 -4.19 7.35
N ASN A 244 8.24 -4.82 8.48
CA ASN A 244 7.45 -4.21 9.54
C ASN A 244 8.35 -3.87 10.72
N PRO A 245 8.81 -2.63 10.82
CA PRO A 245 9.74 -2.17 11.86
C PRO A 245 9.10 -2.03 13.24
N SER A 246 7.88 -2.53 13.37
CA SER A 246 7.14 -2.29 14.59
C SER A 246 7.54 -3.30 15.65
N ILE A 247 8.19 -2.83 16.70
CA ILE A 247 8.47 -3.69 17.85
C ILE A 247 7.23 -3.86 18.68
N ASP A 248 6.52 -2.74 18.85
CA ASP A 248 5.38 -2.58 19.75
C ASP A 248 4.42 -1.57 19.14
N LEU A 249 3.21 -1.52 19.67
CA LEU A 249 2.23 -0.54 19.22
C LEU A 249 2.80 0.88 19.23
N HIS A 250 3.81 1.14 20.06
CA HIS A 250 4.34 2.51 20.17
C HIS A 250 5.84 2.61 19.99
N THR A 251 6.49 1.47 19.81
CA THR A 251 7.94 1.40 19.69
C THR A 251 8.27 0.93 18.27
N ASP A 252 9.38 1.40 17.72
CA ASP A 252 9.80 0.98 16.38
C ASP A 252 11.31 0.67 16.38
N SER A 253 11.74 -0.33 15.60
CA SER A 253 13.16 -0.68 15.54
C SER A 253 13.95 0.28 14.68
N LEU A 254 14.83 1.06 15.30
CA LEU A 254 15.63 2.02 14.53
C LEU A 254 16.28 1.33 13.33
N GLU A 255 17.01 0.25 13.59
CA GLU A 255 17.75 -0.44 12.53
C GLU A 255 16.85 -0.90 11.40
N LEU A 256 15.65 -1.35 11.72
CA LEU A 256 14.73 -1.82 10.68
C LEU A 256 14.23 -0.66 9.84
N LEU A 257 14.19 0.53 10.44
CA LEU A 257 13.77 1.71 9.69
C LEU A 257 14.85 2.15 8.72
N GLN A 258 16.05 2.34 9.24
CA GLN A 258 17.19 2.64 8.39
C GLN A 258 17.27 1.63 7.27
N LEU A 259 17.24 0.36 7.62
CA LEU A 259 17.36 -0.67 6.59
C LEU A 259 16.33 -0.55 5.48
N GLN A 260 15.08 -0.28 5.84
CA GLN A 260 13.98 -0.24 4.87
C GLN A 260 14.06 1.04 4.05
N GLN A 261 14.55 2.10 4.68
CA GLN A 261 14.71 3.38 4.03
C GLN A 261 15.83 3.27 2.99
N LYS A 262 16.97 2.78 3.43
CA LYS A 262 18.08 2.51 2.54
C LYS A 262 17.65 1.68 1.35
N LEU A 263 17.15 0.47 1.61
CA LEU A 263 16.72 -0.41 0.52
C LEU A 263 15.73 0.20 -0.46
N LEU A 264 15.04 1.26 -0.06
CA LEU A 264 14.07 1.86 -0.97
C LEU A 264 14.80 2.78 -1.94
N TRP A 265 15.68 3.61 -1.39
CA TRP A 265 16.61 4.39 -2.20
C TRP A 265 17.32 3.48 -3.17
N LEU A 266 18.03 2.48 -2.66
CA LEU A 266 18.65 1.51 -3.55
C LEU A 266 17.70 1.26 -4.71
N LEU A 267 16.51 0.79 -4.40
CA LEU A 267 15.50 0.53 -5.44
C LEU A 267 15.17 1.74 -6.32
N TYR A 268 15.22 2.94 -5.75
CA TYR A 268 14.91 4.20 -6.44
C TYR A 268 15.96 4.58 -7.48
N ASP A 269 17.21 4.63 -7.04
CA ASP A 269 18.35 4.87 -7.90
C ASP A 269 18.34 3.90 -9.07
N LEU A 270 18.10 2.62 -8.80
CA LEU A 270 18.01 1.63 -9.86
C LEU A 270 16.74 1.83 -10.71
N GLY A 271 15.95 2.84 -10.35
CA GLY A 271 14.72 3.19 -11.06
C GLY A 271 13.56 2.22 -10.92
N HIS A 272 13.70 1.24 -10.04
CA HIS A 272 12.70 0.18 -9.89
C HIS A 272 11.47 0.61 -9.11
N LEU A 273 11.51 1.81 -8.58
CA LEU A 273 10.35 2.38 -7.90
C LEU A 273 9.47 3.12 -8.90
N GLU A 274 9.93 3.21 -10.14
CA GLU A 274 9.29 4.03 -11.15
C GLU A 274 7.81 3.74 -11.34
N ARG A 275 7.41 2.47 -11.27
CA ARG A 275 6.01 2.12 -11.49
C ARG A 275 5.29 1.72 -10.21
N TYR A 276 5.90 2.03 -9.08
CA TYR A 276 5.34 1.66 -7.80
C TYR A 276 4.99 2.93 -6.99
N PRO A 277 3.81 3.52 -7.24
CA PRO A 277 3.38 4.75 -6.57
C PRO A 277 3.52 4.64 -5.07
N MET A 278 2.89 3.59 -4.50
CA MET A 278 2.79 3.41 -3.05
C MET A 278 4.16 3.34 -2.41
N ALA A 279 5.11 2.67 -3.05
CA ALA A 279 6.47 2.61 -2.53
C ALA A 279 7.08 4.00 -2.47
N LEU A 280 6.77 4.83 -3.45
CA LEU A 280 7.25 6.22 -3.47
C LEU A 280 6.70 6.97 -2.26
N GLY A 281 5.44 6.73 -1.94
CA GLY A 281 4.82 7.28 -0.75
C GLY A 281 5.54 6.82 0.50
N ASN A 282 5.62 5.52 0.70
CA ASN A 282 6.32 4.95 1.85
C ASN A 282 7.68 5.63 2.06
N LEU A 283 8.45 5.74 0.99
CA LEU A 283 9.76 6.38 1.04
C LEU A 283 9.60 7.81 1.56
N ALA A 284 8.60 8.51 1.01
CA ALA A 284 8.26 9.86 1.41
C ALA A 284 8.12 9.98 2.93
N ASP A 285 7.08 9.36 3.47
CA ASP A 285 6.80 9.36 4.90
C ASP A 285 8.05 9.09 5.73
N LEU A 286 8.81 8.07 5.32
CA LEU A 286 10.01 7.71 6.04
C LEU A 286 10.90 8.93 6.17
N GLU A 287 11.22 9.54 5.04
CA GLU A 287 12.09 10.72 5.01
C GLU A 287 11.61 11.85 5.93
N GLU A 288 10.32 12.15 5.88
CA GLU A 288 9.76 13.21 6.71
C GLU A 288 10.28 13.12 8.15
N LEU A 289 10.40 11.90 8.66
CA LEU A 289 10.79 11.64 10.04
C LEU A 289 12.31 11.66 10.29
N GLU A 290 13.05 11.02 9.40
CA GLU A 290 14.50 11.00 9.52
C GLU A 290 15.15 11.14 8.16
N PRO A 291 15.23 12.40 7.67
CA PRO A 291 15.76 12.71 6.33
C PRO A 291 17.18 12.25 6.15
N THR A 292 17.55 11.94 4.91
CA THR A 292 18.93 11.62 4.62
C THR A 292 19.52 12.72 3.73
N PRO A 293 20.77 13.06 4.00
CA PRO A 293 21.52 14.11 3.31
C PRO A 293 21.69 13.88 1.81
N GLY A 294 21.31 14.88 1.02
CA GLY A 294 21.52 14.84 -0.42
C GLY A 294 20.35 14.21 -1.15
N ARG A 295 19.29 13.92 -0.41
CA ARG A 295 18.13 13.30 -1.00
C ARG A 295 16.99 14.30 -1.07
N PRO A 296 16.10 14.13 -2.06
CA PRO A 296 14.91 14.94 -2.29
C PRO A 296 14.07 15.10 -1.04
N ASP A 297 13.25 16.13 -1.03
CA ASP A 297 12.29 16.33 0.03
C ASP A 297 11.19 15.27 -0.06
N PRO A 298 10.49 15.03 1.06
CA PRO A 298 9.25 14.27 1.10
C PRO A 298 8.29 14.75 0.03
N LEU A 299 7.98 16.04 0.03
CA LEU A 299 6.99 16.59 -0.89
C LEU A 299 7.36 16.28 -2.34
N THR A 300 8.63 16.44 -2.68
CA THR A 300 9.09 16.05 -4.00
C THR A 300 8.58 14.64 -4.32
N LEU A 301 8.81 13.71 -3.40
CA LEU A 301 8.53 12.28 -3.59
C LEU A 301 7.04 11.92 -3.73
N TYR A 302 6.17 12.48 -2.90
CA TYR A 302 4.74 12.24 -3.03
C TYR A 302 4.31 12.51 -4.45
N HIS A 303 4.89 13.56 -5.04
CA HIS A 303 4.50 13.90 -6.40
C HIS A 303 5.07 12.93 -7.40
N LYS A 304 6.33 12.52 -7.21
CA LYS A 304 6.90 11.56 -8.15
C LYS A 304 5.96 10.36 -8.15
N GLY A 305 5.33 10.14 -7.01
CA GLY A 305 4.38 9.07 -6.82
C GLY A 305 3.08 9.27 -7.58
N ILE A 306 2.48 10.45 -7.48
CA ILE A 306 1.28 10.74 -8.25
C ILE A 306 1.58 10.74 -9.74
N ALA A 307 2.74 11.29 -10.11
CA ALA A 307 3.20 11.22 -11.49
C ALA A 307 3.05 9.80 -12.00
N SER A 308 3.67 8.84 -11.27
CA SER A 308 3.69 7.43 -11.65
C SER A 308 2.29 6.90 -11.82
N ALA A 309 1.39 7.32 -10.95
CA ALA A 309 0.04 6.83 -10.99
C ALA A 309 -0.59 7.15 -12.32
N LYS A 310 -0.51 8.43 -12.68
CA LYS A 310 -1.11 8.96 -13.89
C LYS A 310 -0.49 8.30 -15.11
N THR A 311 0.82 8.49 -15.28
CA THR A 311 1.54 7.78 -16.33
C THR A 311 1.09 6.32 -16.50
N TYR A 312 1.46 5.45 -15.55
CA TYR A 312 1.40 4.01 -15.79
C TYR A 312 0.10 3.29 -15.41
N TYR A 313 -0.81 3.97 -14.72
CA TYR A 313 -2.02 3.29 -14.21
C TYR A 313 -3.31 4.08 -14.41
N ARG A 314 -3.37 4.91 -15.44
CA ARG A 314 -4.55 5.71 -15.75
C ARG A 314 -5.00 6.57 -14.57
N ASP A 315 -4.05 7.10 -13.81
CA ASP A 315 -4.39 7.90 -12.63
C ASP A 315 -5.56 7.33 -11.82
N GLU A 316 -5.61 6.01 -11.66
CA GLU A 316 -6.78 5.37 -11.08
C GLU A 316 -6.50 4.88 -9.67
N HIS A 317 -5.36 5.27 -9.12
CA HIS A 317 -4.95 4.86 -7.77
C HIS A 317 -5.18 5.94 -6.75
N ILE A 318 -5.73 5.52 -5.60
CA ILE A 318 -6.16 6.41 -4.55
C ILE A 318 -5.06 6.84 -3.59
N TYR A 319 -4.20 5.91 -3.19
CA TYR A 319 -3.25 6.19 -2.11
C TYR A 319 -2.25 7.32 -2.33
N PRO A 320 -1.90 7.61 -3.59
CA PRO A 320 -0.85 8.62 -3.75
C PRO A 320 -1.35 10.02 -3.40
N TYR A 321 -2.66 10.23 -3.48
CA TYR A 321 -3.27 11.45 -2.96
C TYR A 321 -3.36 11.42 -1.43
N MET A 322 -3.96 10.35 -0.90
CA MET A 322 -4.08 10.12 0.54
C MET A 322 -2.77 10.33 1.26
N TYR A 323 -1.69 9.84 0.65
CA TYR A 323 -0.33 9.98 1.16
C TYR A 323 0.06 11.44 1.28
N LEU A 324 -0.27 12.20 0.24
CA LEU A 324 0.06 13.62 0.19
C LEU A 324 -0.86 14.40 1.11
N ALA A 325 -2.16 14.15 1.02
CA ALA A 325 -3.12 14.72 1.95
C ALA A 325 -2.60 14.60 3.37
N GLY A 326 -2.17 13.39 3.71
CA GLY A 326 -1.60 13.14 5.02
C GLY A 326 -0.56 14.17 5.37
N TYR A 327 0.48 14.23 4.55
CA TYR A 327 1.65 15.06 4.82
C TYR A 327 1.30 16.48 5.22
N HIS A 328 0.37 17.08 4.49
CA HIS A 328 -0.09 18.43 4.80
C HIS A 328 -0.84 18.44 6.13
N CYS A 329 -1.89 17.63 6.22
CA CYS A 329 -2.69 17.54 7.42
C CYS A 329 -1.79 17.48 8.65
N ARG A 330 -0.79 16.60 8.64
CA ARG A 330 0.16 16.51 9.76
C ARG A 330 0.95 17.80 9.89
N ASN A 331 1.34 18.37 8.73
CA ASN A 331 2.09 19.60 8.71
C ASN A 331 1.20 20.84 8.71
N ARG A 332 -0.02 20.67 9.24
CA ARG A 332 -1.04 21.73 9.31
C ARG A 332 -0.98 22.70 8.14
N ASN A 333 -1.31 22.17 6.96
CA ASN A 333 -1.49 22.95 5.76
C ASN A 333 -2.84 22.59 5.16
N VAL A 334 -3.89 23.14 5.78
CA VAL A 334 -5.27 22.88 5.41
C VAL A 334 -5.55 23.02 3.92
N ARG A 335 -5.16 24.15 3.34
CA ARG A 335 -5.44 24.40 1.94
C ARG A 335 -5.00 23.19 1.11
N GLU A 336 -3.70 22.95 1.11
CA GLU A 336 -3.09 21.88 0.34
C GLU A 336 -3.65 20.49 0.67
N ALA A 337 -4.02 20.30 1.94
CA ALA A 337 -4.64 19.07 2.39
C ALA A 337 -5.97 18.81 1.70
N LEU A 338 -6.91 19.72 1.90
CA LEU A 338 -8.27 19.61 1.34
C LEU A 338 -8.26 19.45 -0.17
N GLN A 339 -7.27 20.09 -0.81
CA GLN A 339 -7.07 19.96 -2.25
C GLN A 339 -6.90 18.49 -2.57
N ALA A 340 -5.88 17.88 -1.98
CA ALA A 340 -5.54 16.48 -2.19
C ALA A 340 -6.66 15.49 -1.83
N TRP A 341 -7.35 15.74 -0.72
CA TRP A 341 -8.50 14.91 -0.40
C TRP A 341 -9.56 14.99 -1.48
N ALA A 342 -9.71 16.18 -2.08
CA ALA A 342 -10.65 16.37 -3.19
C ALA A 342 -10.20 15.59 -4.43
N ASP A 343 -8.91 15.66 -4.74
CA ASP A 343 -8.32 14.87 -5.83
C ASP A 343 -8.57 13.38 -5.66
N THR A 344 -8.62 12.95 -4.41
CA THR A 344 -8.87 11.58 -4.09
C THR A 344 -10.28 11.17 -4.52
N ALA A 345 -11.25 12.00 -4.15
CA ALA A 345 -12.64 11.68 -4.45
C ALA A 345 -12.81 11.76 -5.95
N THR A 346 -12.00 12.60 -6.58
CA THR A 346 -12.00 12.71 -8.03
C THR A 346 -11.71 11.35 -8.66
N VAL A 347 -10.86 10.53 -8.02
CA VAL A 347 -10.64 9.19 -8.54
C VAL A 347 -11.78 8.27 -8.15
N ILE A 348 -12.14 8.27 -6.88
CA ILE A 348 -13.09 7.30 -6.38
C ILE A 348 -14.42 7.33 -7.12
N GLN A 349 -14.75 8.49 -7.70
CA GLN A 349 -16.09 8.74 -8.26
C GLN A 349 -16.47 7.79 -9.40
N ASP A 350 -15.47 7.39 -10.17
CA ASP A 350 -15.65 6.47 -11.29
C ASP A 350 -15.51 4.99 -10.90
N TYR A 351 -15.69 4.69 -9.62
CA TYR A 351 -15.78 3.31 -9.13
C TYR A 351 -17.18 3.01 -8.59
N ASN A 352 -17.31 1.81 -8.04
CA ASN A 352 -18.48 1.41 -7.27
C ASN A 352 -18.06 0.83 -5.93
N TYR A 353 -18.77 1.21 -4.87
CA TYR A 353 -18.48 0.63 -3.56
C TYR A 353 -19.00 -0.81 -3.55
N CYS A 354 -18.09 -1.78 -3.42
CA CYS A 354 -18.47 -3.20 -3.35
C CYS A 354 -18.09 -3.83 -2.02
N ARG A 355 -18.54 -5.07 -1.81
CA ARG A 355 -18.31 -5.80 -0.56
C ARG A 355 -16.87 -5.73 -0.03
N GLU A 356 -15.91 -6.05 -0.87
CA GLU A 356 -14.53 -6.14 -0.44
C GLU A 356 -13.79 -4.81 -0.36
N ASP A 357 -14.49 -3.73 -0.68
CA ASP A 357 -13.84 -2.41 -0.70
C ASP A 357 -13.89 -1.69 0.63
N GLU A 358 -14.23 -2.44 1.68
CA GLU A 358 -14.42 -1.86 2.99
C GLU A 358 -13.22 -1.09 3.51
N GLU A 359 -12.03 -1.40 3.01
CA GLU A 359 -10.85 -0.75 3.58
C GLU A 359 -10.85 0.72 3.22
N ILE A 360 -11.23 1.02 1.98
CA ILE A 360 -11.18 2.38 1.49
C ILE A 360 -12.39 3.19 1.95
N TYR A 361 -13.54 2.53 2.01
CA TYR A 361 -14.69 3.15 2.60
C TYR A 361 -14.26 3.79 3.90
N LYS A 362 -13.68 2.99 4.79
CA LYS A 362 -13.26 3.45 6.10
C LYS A 362 -12.26 4.58 6.02
N GLU A 363 -11.46 4.58 4.97
CA GLU A 363 -10.41 5.58 4.86
C GLU A 363 -10.98 6.94 4.47
N PHE A 364 -12.12 6.95 3.79
CA PHE A 364 -12.79 8.20 3.49
C PHE A 364 -13.57 8.69 4.69
N PHE A 365 -14.28 7.75 5.32
CA PHE A 365 -15.09 7.98 6.50
C PHE A 365 -14.27 8.63 7.59
N GLU A 366 -12.99 8.30 7.67
CA GLU A 366 -12.10 8.91 8.66
C GLU A 366 -11.80 10.35 8.28
N VAL A 367 -11.51 10.57 7.00
CA VAL A 367 -11.27 11.90 6.46
C VAL A 367 -12.51 12.77 6.60
N ALA A 368 -13.60 12.28 6.04
CA ALA A 368 -14.87 12.98 6.08
C ALA A 368 -15.34 13.29 7.49
N ASN A 369 -15.33 12.29 8.37
CA ASN A 369 -15.99 12.42 9.66
C ASN A 369 -15.08 12.65 10.86
N ASP A 370 -13.76 12.69 10.65
CA ASP A 370 -12.86 12.94 11.77
C ASP A 370 -11.75 13.91 11.44
N VAL A 371 -10.90 13.53 10.50
CA VAL A 371 -9.69 14.28 10.22
C VAL A 371 -10.00 15.69 9.78
N ILE A 372 -10.96 15.80 8.86
CA ILE A 372 -11.34 17.09 8.32
C ILE A 372 -12.06 17.94 9.37
N PRO A 373 -13.17 17.42 9.94
CA PRO A 373 -13.84 18.23 10.96
C PRO A 373 -12.92 18.62 12.11
N ASN A 374 -11.69 18.12 12.11
CA ASN A 374 -10.75 18.42 13.18
C ASN A 374 -9.74 19.49 12.78
N LEU A 375 -9.40 19.54 11.48
CA LEU A 375 -8.55 20.62 10.97
C LEU A 375 -9.35 21.91 10.97
N LEU A 376 -10.66 21.77 10.77
CA LEU A 376 -11.58 22.89 10.72
C LEU A 376 -11.81 23.42 12.12
N LYS A 377 -12.18 22.53 13.03
CA LYS A 377 -12.30 22.89 14.43
C LYS A 377 -11.05 23.66 14.88
N GLU A 378 -9.88 23.15 14.53
CA GLU A 378 -8.62 23.76 14.92
C GLU A 378 -8.41 25.13 14.28
N ALA A 379 -8.98 25.31 13.08
CA ALA A 379 -8.86 26.56 12.34
C ALA A 379 -9.78 27.66 12.87
N ALA A 380 -10.93 27.25 13.42
CA ALA A 380 -11.88 28.19 13.99
C ALA A 380 -11.33 28.79 15.27
N SER A 381 -10.20 28.29 15.73
CA SER A 381 -9.60 28.74 16.98
C SER A 381 -8.25 29.44 16.74
N LEU A 382 -7.66 29.21 15.58
CA LEU A 382 -6.37 29.81 15.26
C LEU A 382 -6.52 31.25 14.76
N LEU A 383 -7.63 31.56 14.08
CA LEU A 383 -7.89 32.93 13.65
C LEU A 383 -8.40 33.79 14.82
N GLU A 384 -9.10 33.14 15.74
CA GLU A 384 -9.70 33.83 16.88
C GLU A 384 -8.64 34.27 17.89
N ALA A 385 -7.42 33.79 17.69
CA ALA A 385 -6.30 34.23 18.50
C ALA A 385 -5.30 35.01 17.65
N SER A 402 -5.52 33.57 7.06
CA SER A 402 -6.30 32.40 7.44
C SER A 402 -6.67 31.59 6.22
N ALA A 403 -7.28 30.43 6.45
CA ALA A 403 -7.72 29.57 5.36
C ALA A 403 -9.21 29.24 5.51
N LEU A 404 -9.74 29.41 6.71
CA LEU A 404 -11.13 29.10 6.94
C LEU A 404 -12.01 30.13 6.23
N GLN A 405 -11.35 31.07 5.56
CA GLN A 405 -12.05 32.13 4.84
C GLN A 405 -11.62 32.18 3.39
N ASP A 406 -11.13 31.06 2.87
CA ASP A 406 -10.80 30.96 1.46
C ASP A 406 -11.87 30.15 0.73
N PRO A 407 -12.48 30.73 -0.30
CA PRO A 407 -13.54 30.02 -1.03
C PRO A 407 -13.01 28.74 -1.68
N GLU A 408 -11.79 28.80 -2.21
CA GLU A 408 -11.19 27.66 -2.92
C GLU A 408 -11.11 26.42 -2.06
N CYS A 409 -10.93 26.65 -0.75
CA CYS A 409 -10.98 25.58 0.24
C CYS A 409 -12.39 25.04 0.40
N PHE A 410 -13.38 25.91 0.27
CA PHE A 410 -14.76 25.46 0.38
C PHE A 410 -15.15 24.65 -0.84
N ALA A 411 -14.51 24.94 -1.96
CA ALA A 411 -14.77 24.21 -3.19
C ALA A 411 -14.11 22.84 -3.10
N HIS A 412 -12.88 22.83 -2.59
CA HIS A 412 -12.17 21.60 -2.29
C HIS A 412 -13.07 20.66 -1.49
N LEU A 413 -13.64 21.16 -0.40
CA LEU A 413 -14.52 20.35 0.41
C LEU A 413 -15.71 19.84 -0.37
N LEU A 414 -16.35 20.71 -1.13
CA LEU A 414 -17.54 20.32 -1.90
C LEU A 414 -17.22 19.26 -2.96
N ARG A 415 -16.10 19.45 -3.64
CA ARG A 415 -15.66 18.57 -4.71
C ARG A 415 -15.36 17.19 -4.15
N PHE A 416 -14.76 17.19 -2.96
CA PHE A 416 -14.53 15.98 -2.19
C PHE A 416 -15.84 15.23 -1.96
N TYR A 417 -16.83 15.92 -1.41
CA TYR A 417 -18.14 15.32 -1.20
C TYR A 417 -18.78 14.92 -2.53
N ASP A 418 -18.54 15.70 -3.58
CA ASP A 418 -19.04 15.39 -4.92
C ASP A 418 -18.55 13.99 -5.35
N GLY A 419 -17.24 13.83 -5.45
CA GLY A 419 -16.66 12.55 -5.78
C GLY A 419 -17.26 11.40 -4.99
N ILE A 420 -17.39 11.58 -3.68
CA ILE A 420 -17.94 10.53 -2.84
C ILE A 420 -19.39 10.20 -3.20
N CYS A 421 -20.11 11.18 -3.73
CA CYS A 421 -21.49 10.98 -4.15
C CYS A 421 -21.55 10.23 -5.47
N LYS A 422 -20.61 10.53 -6.35
CA LYS A 422 -20.52 9.91 -7.67
C LYS A 422 -20.14 8.44 -7.54
N TRP A 423 -19.21 8.20 -6.62
CA TRP A 423 -18.87 6.85 -6.23
C TRP A 423 -20.14 6.06 -5.95
N GLU A 424 -20.96 6.56 -5.02
CA GLU A 424 -22.15 5.87 -4.58
C GLU A 424 -23.04 5.49 -5.75
N GLU A 425 -23.02 6.32 -6.78
CA GLU A 425 -23.89 6.10 -7.93
C GLU A 425 -23.51 4.80 -8.64
N GLY A 426 -24.51 3.98 -8.89
CA GLY A 426 -24.33 2.74 -9.61
C GLY A 426 -23.76 1.64 -8.74
N SER A 427 -23.81 1.84 -7.43
CA SER A 427 -23.23 0.89 -6.48
C SER A 427 -24.27 -0.01 -5.85
N PRO A 428 -23.85 -1.24 -5.55
CA PRO A 428 -24.63 -2.25 -4.79
C PRO A 428 -25.06 -1.72 -3.42
N THR A 429 -24.08 -1.37 -2.60
CA THR A 429 -24.33 -0.88 -1.26
C THR A 429 -24.31 0.64 -1.24
N PRO A 430 -25.21 1.25 -0.46
CA PRO A 430 -25.19 2.70 -0.31
C PRO A 430 -23.96 3.14 0.49
N VAL A 431 -23.25 4.12 -0.05
CA VAL A 431 -22.16 4.76 0.67
C VAL A 431 -22.69 5.65 1.79
N LEU A 432 -23.53 6.62 1.42
CA LEU A 432 -23.99 7.64 2.36
C LEU A 432 -25.12 7.20 3.27
N HIS A 433 -24.99 7.59 4.53
CA HIS A 433 -26.04 7.43 5.51
C HIS A 433 -26.02 8.65 6.41
N VAL A 434 -27.06 8.76 7.24
CA VAL A 434 -27.31 9.98 8.00
C VAL A 434 -26.12 10.48 8.81
N GLY A 435 -25.23 9.57 9.19
CA GLY A 435 -24.06 9.92 9.97
C GLY A 435 -23.01 10.73 9.22
N TRP A 436 -23.00 10.56 7.90
CA TRP A 436 -22.11 11.36 7.07
C TRP A 436 -22.61 12.78 7.07
N ALA A 437 -23.92 12.93 7.25
CA ALA A 437 -24.57 14.21 7.09
C ALA A 437 -24.15 15.18 8.18
N THR A 438 -24.21 14.76 9.43
CA THR A 438 -23.89 15.64 10.55
C THR A 438 -22.56 16.36 10.39
N PHE A 439 -21.58 15.68 9.80
CA PHE A 439 -20.26 16.28 9.64
C PHE A 439 -20.14 17.07 8.36
N LEU A 440 -21.06 16.80 7.43
CA LEU A 440 -21.19 17.67 6.28
C LEU A 440 -21.78 18.98 6.77
N VAL A 441 -22.93 18.89 7.44
CA VAL A 441 -23.60 20.09 7.94
C VAL A 441 -22.62 20.91 8.77
N GLN A 442 -21.91 20.23 9.67
CA GLN A 442 -21.02 20.91 10.60
C GLN A 442 -19.76 21.52 9.95
N SER A 443 -19.34 20.95 8.83
CA SER A 443 -18.15 21.44 8.14
C SER A 443 -18.51 22.63 7.26
N LEU A 444 -19.70 22.58 6.67
CA LEU A 444 -20.23 23.74 5.99
C LEU A 444 -20.27 24.88 7.01
N GLY A 445 -21.08 24.71 8.06
CA GLY A 445 -21.21 25.71 9.10
C GLY A 445 -19.89 26.28 9.62
N ARG A 446 -18.79 25.65 9.22
CA ARG A 446 -17.47 26.10 9.64
C ARG A 446 -17.00 27.24 8.74
N PHE A 447 -17.75 27.45 7.67
CA PHE A 447 -17.43 28.48 6.67
C PHE A 447 -18.48 29.59 6.67
N GLU A 448 -18.01 30.82 6.71
CA GLU A 448 -18.92 31.97 6.72
C GLU A 448 -19.67 32.06 5.39
N GLY A 449 -20.95 32.39 5.48
CA GLY A 449 -21.79 32.62 4.30
C GLY A 449 -21.22 33.63 3.31
N GLN A 450 -20.47 34.59 3.84
CA GLN A 450 -19.71 35.51 2.99
C GLN A 450 -18.79 34.72 2.04
N VAL A 451 -18.32 33.56 2.49
CA VAL A 451 -17.36 32.76 1.72
C VAL A 451 -18.04 31.68 0.88
N ARG A 452 -18.97 30.96 1.49
CA ARG A 452 -19.74 29.94 0.78
C ARG A 452 -20.52 30.47 -0.44
N GLN A 453 -20.39 31.75 -0.73
CA GLN A 453 -21.14 32.34 -1.83
C GLN A 453 -20.22 32.88 -2.90
N LYS A 454 -18.95 33.06 -2.55
CA LYS A 454 -17.95 33.49 -3.52
C LYS A 454 -17.54 32.34 -4.42
N VAL A 455 -18.18 31.18 -4.25
CA VAL A 455 -17.85 30.03 -5.07
C VAL A 455 -18.89 29.83 -6.17
N ARG A 456 -18.40 29.87 -7.41
CA ARG A 456 -19.25 29.80 -8.58
C ARG A 456 -19.59 28.37 -8.93
N ILE A 457 -20.81 27.94 -8.62
CA ILE A 457 -21.24 26.57 -8.94
C ILE A 457 -21.98 26.49 -10.27
N VAL A 458 -21.20 26.62 -11.33
CA VAL A 458 -21.69 26.61 -12.68
C VAL A 458 -21.78 25.18 -13.21
N SER A 459 -22.82 24.90 -13.98
CA SER A 459 -22.97 23.59 -14.61
C SER A 459 -22.23 23.61 -15.94
N GLY A 460 -22.46 24.63 -16.72
CA GLY A 460 -21.75 24.77 -17.98
C GLY A 460 -22.33 25.84 -18.89
N THR A 461 -21.46 26.75 -19.30
CA THR A 461 -21.73 27.60 -20.44
C THR A 461 -21.53 26.70 -21.64
N VAL A 462 -20.96 27.22 -22.72
CA VAL A 462 -20.74 26.41 -23.93
C VAL A 462 -19.64 25.34 -23.85
N ALA A 463 -19.89 24.21 -24.52
CA ALA A 463 -18.95 23.10 -24.61
C ALA A 463 -17.95 23.29 -25.71
N GLY A 464 -16.79 22.68 -25.55
CA GLY A 464 -15.77 22.67 -26.58
C GLY A 464 -15.21 24.07 -26.81
N THR A 465 -14.47 24.25 -27.89
CA THR A 465 -13.79 25.53 -28.08
C THR A 465 -13.57 25.88 -29.54
N ALA A 466 -13.77 27.16 -29.85
CA ALA A 466 -13.84 27.62 -31.23
C ALA A 466 -12.50 28.04 -31.82
N ARG A 467 -12.45 28.12 -33.15
CA ARG A 467 -11.23 28.53 -33.82
C ARG A 467 -11.51 29.06 -35.23
N GLY A 488 -14.48 34.92 -8.43
CA GLY A 488 -13.95 33.96 -7.49
C GLY A 488 -13.40 32.70 -8.14
N PRO A 489 -13.57 31.54 -7.48
CA PRO A 489 -13.23 30.21 -7.99
C PRO A 489 -14.43 29.49 -8.58
N VAL A 490 -14.20 28.60 -9.54
CA VAL A 490 -15.30 27.94 -10.25
C VAL A 490 -15.33 26.46 -9.94
N LEU A 491 -16.55 25.91 -9.94
CA LEU A 491 -16.78 24.53 -9.48
C LEU A 491 -17.97 23.86 -10.17
N THR A 492 -17.74 22.74 -10.84
CA THR A 492 -18.82 21.99 -11.49
C THR A 492 -19.02 20.59 -10.86
N PHE A 493 -20.26 20.31 -10.41
CA PHE A 493 -20.64 19.03 -9.79
C PHE A 493 -20.92 17.92 -10.81
N GLN A 494 -20.59 16.67 -10.44
CA GLN A 494 -20.77 15.52 -11.33
C GLN A 494 -21.79 14.54 -10.79
N SER A 495 -22.15 14.74 -9.52
CA SER A 495 -23.07 13.82 -8.90
C SER A 495 -24.43 14.46 -8.88
N GLU A 496 -25.45 13.72 -9.27
CA GLU A 496 -26.79 14.27 -9.28
C GLU A 496 -27.18 14.75 -7.87
N LYS A 497 -26.71 14.05 -6.86
CA LYS A 497 -27.03 14.41 -5.46
C LYS A 497 -26.46 15.76 -5.12
N MET A 498 -25.19 15.93 -5.38
CA MET A 498 -24.51 17.15 -5.03
C MET A 498 -25.05 18.32 -5.84
N LYS A 499 -25.58 18.04 -7.03
CA LYS A 499 -26.12 19.08 -7.91
C LYS A 499 -27.40 19.63 -7.30
N GLY A 500 -28.28 18.73 -6.90
CA GLY A 500 -29.56 19.10 -6.31
C GLY A 500 -29.48 19.96 -5.06
N MET A 501 -28.28 20.17 -4.55
CA MET A 501 -28.10 20.96 -3.33
C MET A 501 -27.23 22.19 -3.54
N LYS A 502 -26.85 22.48 -4.79
CA LYS A 502 -25.90 23.56 -5.07
C LYS A 502 -26.35 24.87 -4.44
N GLU A 503 -27.60 24.89 -4.00
CA GLU A 503 -28.24 26.07 -3.47
C GLU A 503 -28.19 26.06 -1.95
N LEU A 504 -28.57 24.93 -1.37
CA LEU A 504 -28.57 24.78 0.09
C LEU A 504 -27.18 25.00 0.67
N LEU A 505 -26.16 24.62 -0.08
CA LEU A 505 -24.80 24.69 0.43
C LEU A 505 -24.34 26.14 0.51
N VAL A 506 -25.02 27.00 -0.26
CA VAL A 506 -24.55 28.35 -0.49
C VAL A 506 -25.51 29.35 0.16
N ALA A 507 -26.45 28.83 0.95
CA ALA A 507 -27.35 29.65 1.74
C ALA A 507 -26.59 30.40 2.83
N THR A 508 -27.25 31.39 3.46
CA THR A 508 -26.64 32.06 4.58
C THR A 508 -26.95 31.26 5.83
N LYS A 509 -28.14 30.66 5.85
CA LYS A 509 -28.48 29.70 6.88
C LYS A 509 -28.50 28.30 6.25
N ILE A 510 -27.66 27.42 6.79
CA ILE A 510 -27.60 26.02 6.38
C ILE A 510 -28.79 25.25 6.89
N ASN A 511 -29.66 24.82 5.98
CA ASN A 511 -30.80 24.01 6.36
C ASN A 511 -30.35 22.61 6.74
N SER A 512 -30.13 22.40 8.04
CA SER A 512 -29.82 21.06 8.55
C SER A 512 -30.79 20.03 7.97
N SER A 513 -32.02 20.03 8.48
CA SER A 513 -33.05 19.04 8.12
C SER A 513 -33.05 18.68 6.64
N ALA A 514 -32.78 19.67 5.80
CA ALA A 514 -32.88 19.51 4.36
C ALA A 514 -31.68 18.76 3.77
N ILE A 515 -30.49 19.30 3.98
CA ILE A 515 -29.28 18.66 3.48
C ILE A 515 -29.28 17.17 3.80
N LYS A 516 -29.56 16.80 5.05
CA LYS A 516 -29.68 15.38 5.42
C LYS A 516 -30.55 14.60 4.44
N LEU A 517 -31.79 15.04 4.25
CA LEU A 517 -32.77 14.25 3.52
C LEU A 517 -32.39 14.14 2.03
N GLN A 518 -31.49 15.01 1.60
CA GLN A 518 -30.98 14.97 0.23
C GLN A 518 -29.82 13.98 0.13
N LEU A 519 -28.76 14.26 0.88
CA LEU A 519 -27.58 13.39 0.95
C LEU A 519 -27.92 11.90 0.99
N THR A 520 -29.00 11.52 1.64
CA THR A 520 -29.41 10.11 1.62
C THR A 520 -30.69 9.88 0.82
N ALA A 521 -30.64 8.88 -0.06
CA ALA A 521 -31.72 8.61 -1.00
C ALA A 521 -31.49 7.27 -1.71
N ARG B 2 0.33 -3.54 13.62
CA ARG B 2 0.48 -5.00 13.67
C ARG B 2 0.63 -5.52 12.25
N TRP B 3 -0.39 -5.28 11.44
CA TRP B 3 -0.33 -5.60 10.01
C TRP B 3 -1.28 -4.69 9.24
N PHE B 5 -1.76 -3.70 4.86
CA PHE B 5 -1.27 -4.06 3.53
C PHE B 5 0.04 -3.31 3.27
N PRO B 6 1.04 -4.01 2.74
CA PRO B 6 2.39 -3.45 2.55
C PRO B 6 2.38 -2.14 1.75
N ALA B 7 3.05 -1.13 2.29
CA ALA B 7 3.20 0.16 1.64
C ALA B 7 1.93 1.02 1.70
N ARG B 8 0.97 0.61 2.51
CA ARG B 8 -0.24 1.40 2.75
C ARG B 8 0.13 2.67 3.51
N PRO B 9 -1.04 3.41 3.16
CA PRO B 9 -0.67 4.71 3.73
C PRO B 9 -1.18 4.85 5.16
#